data_5BZV
#
_entry.id   5BZV
#
_cell.length_a   106.930
_cell.length_b   106.930
_cell.length_c   167.352
_cell.angle_alpha   90.00
_cell.angle_beta   90.00
_cell.angle_gamma   120.00
#
_symmetry.space_group_name_H-M   'P 61 2 2'
#
loop_
_entity.id
_entity.type
_entity.pdbx_description
1 polymer 'Suppressor protein MPT5'
2 polymer "RNA (5'-R(*UP*GP*UP*AP*CP*UP*AP*UP*A)-3')"
3 water water
#
loop_
_entity_poly.entity_id
_entity_poly.type
_entity_poly.pdbx_seq_one_letter_code
_entity_poly.pdbx_strand_id
1 'polypeptide(L)'
;SMVEISALPLRDLDYIKLATDQFGCRFLQKKLETPSESNMVRDLMYEQIKPFFLDLILDPFGNYLVQKLCDYLTAEQKTL
LIQTIYPNVFQISINQYGTRSLQKIIDTVDNEVQIDLIIKGFSQEFTSIEQVVTLINDLNGNHVIQKCIFKFSPSKFGFI
IDAIVEQNNIITISTHKHGCCVLQKLLSVCTLQQIFKISVKIVQFLPGLINDQFGNYIIQFLLDIKELDFYLLAELFNRL
SNELCQLSCLKFSSNVVEKFIKKLFRIITGFIVNNNGGASQRTAVASDDVINASMNILLTTIDIFTVNLNVLIRDNFGNY
ALQTLLDVKNYSPLLAYNKNSNAIGQNSSSTLNYGNFCNDFSLKIGNLIVLTKELLPSIKTTSYAKKIKLKVKAYAEATG
;
A
2 'polyribonucleotide' UGUACUAUA B
#
# COMPACT_ATOMS: atom_id res chain seq x y z
N GLU A 4 29.57 -8.92 40.12
CA GLU A 4 29.06 -8.83 41.49
C GLU A 4 27.55 -8.92 41.46
N ILE A 5 26.97 -8.48 40.35
CA ILE A 5 25.55 -8.59 40.11
C ILE A 5 25.15 -10.05 39.91
N SER A 6 26.07 -10.84 39.37
CA SER A 6 25.83 -12.25 39.09
C SER A 6 25.97 -13.10 40.36
N ALA A 7 26.55 -12.51 41.40
CA ALA A 7 26.71 -13.21 42.67
C ALA A 7 25.40 -13.26 43.44
N LEU A 8 24.48 -12.35 43.11
CA LEU A 8 23.22 -12.24 43.85
C LEU A 8 22.20 -13.31 43.43
N PRO A 9 21.45 -13.85 44.42
CA PRO A 9 20.34 -14.75 44.09
C PRO A 9 19.28 -14.00 43.28
N LEU A 10 18.64 -14.69 42.33
CA LEU A 10 17.61 -14.08 41.49
C LEU A 10 16.49 -13.43 42.31
N ARG A 11 16.20 -14.03 43.47
CA ARG A 11 15.14 -13.59 44.37
C ARG A 11 15.38 -12.16 44.90
N ASP A 12 16.63 -11.71 44.85
CA ASP A 12 17.01 -10.44 45.46
C ASP A 12 17.28 -9.34 44.44
N LEU A 13 17.10 -9.65 43.17
CA LEU A 13 17.38 -8.66 42.13
C LEU A 13 16.36 -7.51 42.11
N ASP A 14 16.82 -6.30 41.80
CA ASP A 14 15.95 -5.16 41.62
C ASP A 14 15.63 -5.07 40.14
N TYR A 15 14.60 -5.80 39.71
CA TYR A 15 14.33 -5.94 38.28
C TYR A 15 13.89 -4.65 37.62
N ILE A 16 13.07 -3.86 38.32
CA ILE A 16 12.59 -2.62 37.74
C ILE A 16 13.76 -1.65 37.50
N LYS A 17 14.79 -1.76 38.33
CA LYS A 17 15.98 -0.93 38.21
C LYS A 17 16.87 -1.39 37.05
N LEU A 18 16.99 -2.71 36.88
CA LEU A 18 17.80 -3.30 35.81
C LEU A 18 17.20 -3.13 34.42
N ALA A 19 15.87 -3.14 34.35
CA ALA A 19 15.14 -3.03 33.07
C ALA A 19 15.41 -1.71 32.34
N THR A 20 15.49 -0.62 33.10
CA THR A 20 15.77 0.73 32.59
C THR A 20 17.27 0.97 32.39
N ASP A 21 18.10 0.10 32.96
CA ASP A 21 19.53 0.23 32.75
C ASP A 21 19.95 -0.59 31.54
N GLN A 22 20.82 -0.04 30.71
CA GLN A 22 21.23 -0.73 29.49
C GLN A 22 21.89 -2.07 29.79
N PHE A 23 23.00 -2.02 30.50
CA PHE A 23 23.72 -3.25 30.80
C PHE A 23 22.94 -4.15 31.77
N GLY A 24 22.10 -3.53 32.61
CA GLY A 24 21.21 -4.30 33.47
C GLY A 24 20.15 -5.04 32.67
N CYS A 25 19.61 -4.37 31.65
CA CYS A 25 18.60 -4.99 30.79
C CYS A 25 19.20 -6.16 30.01
N ARG A 26 20.38 -5.93 29.43
CA ARG A 26 21.12 -6.98 28.73
C ARG A 26 21.35 -8.20 29.62
N PHE A 27 21.71 -7.96 30.88
CA PHE A 27 21.90 -9.04 31.84
C PHE A 27 20.61 -9.84 32.00
N LEU A 28 19.48 -9.16 32.09
CA LEU A 28 18.18 -9.84 32.25
C LEU A 28 17.79 -10.67 31.03
N GLN A 29 18.02 -10.12 29.84
CA GLN A 29 17.77 -10.83 28.61
C GLN A 29 18.62 -12.09 28.56
N LYS A 30 19.88 -11.98 28.97
CA LYS A 30 20.78 -13.12 29.02
C LYS A 30 20.28 -14.20 29.99
N LYS A 31 19.69 -13.79 31.11
CA LYS A 31 19.12 -14.75 32.04
C LYS A 31 17.90 -15.48 31.44
N LEU A 32 17.08 -14.76 30.67
CA LEU A 32 15.92 -15.35 30.01
C LEU A 32 16.38 -16.38 28.97
N GLU A 33 17.62 -16.23 28.50
CA GLU A 33 18.17 -17.10 27.47
C GLU A 33 18.93 -18.29 28.07
N THR A 34 19.14 -18.28 29.38
CA THR A 34 19.80 -19.37 30.08
C THR A 34 18.74 -20.34 30.59
N PRO A 35 18.61 -21.50 29.92
CA PRO A 35 17.50 -22.45 30.11
C PRO A 35 17.26 -22.88 31.55
N SER A 36 18.33 -23.06 32.32
CA SER A 36 18.21 -23.48 33.71
C SER A 36 17.54 -22.42 34.59
N GLU A 37 17.70 -21.14 34.21
CA GLU A 37 17.14 -20.05 34.98
C GLU A 37 16.04 -19.26 34.28
N SER A 38 15.77 -19.60 33.01
CA SER A 38 14.83 -18.82 32.20
C SER A 38 13.44 -18.65 32.81
N ASN A 39 12.77 -19.75 33.12
CA ASN A 39 11.46 -19.71 33.78
C ASN A 39 11.50 -18.98 35.12
N MET A 40 12.53 -19.26 35.91
CA MET A 40 12.69 -18.66 37.23
C MET A 40 12.75 -17.12 37.14
N VAL A 41 13.70 -16.62 36.34
CA VAL A 41 13.93 -15.19 36.26
C VAL A 41 12.75 -14.52 35.57
N ARG A 42 12.07 -15.26 34.69
CA ARG A 42 10.92 -14.72 34.00
C ARG A 42 9.81 -14.42 35.01
N ASP A 43 9.53 -15.41 35.87
CA ASP A 43 8.45 -15.25 36.82
C ASP A 43 8.77 -14.20 37.88
N LEU A 44 10.00 -14.23 38.41
CA LEU A 44 10.43 -13.26 39.40
C LEU A 44 10.37 -11.83 38.86
N MET A 45 10.89 -11.61 37.65
CA MET A 45 10.87 -10.27 37.07
C MET A 45 9.45 -9.81 36.70
N TYR A 46 8.62 -10.74 36.24
CA TYR A 46 7.26 -10.43 35.84
C TYR A 46 6.46 -9.79 36.97
N GLU A 47 6.48 -10.42 38.14
CA GLU A 47 5.72 -9.92 39.28
C GLU A 47 6.15 -8.51 39.71
N GLN A 48 7.43 -8.22 39.60
CA GLN A 48 7.95 -6.91 40.00
C GLN A 48 7.67 -5.81 38.99
N ILE A 49 7.68 -6.15 37.70
CA ILE A 49 7.58 -5.14 36.66
C ILE A 49 6.16 -4.87 36.14
N LYS A 50 5.20 -5.76 36.45
CA LYS A 50 3.84 -5.60 35.93
C LYS A 50 3.09 -4.29 36.23
N PRO A 51 3.40 -3.62 37.37
CA PRO A 51 2.75 -2.31 37.51
C PRO A 51 3.31 -1.28 36.52
N PHE A 52 4.46 -1.59 35.91
CA PHE A 52 5.18 -0.64 35.07
C PHE A 52 5.28 -1.04 33.60
N PHE A 53 4.44 -1.97 33.17
CA PHE A 53 4.43 -2.41 31.77
C PHE A 53 4.44 -1.26 30.74
N LEU A 54 3.55 -0.28 30.91
CA LEU A 54 3.53 0.89 30.01
C LEU A 54 4.86 1.63 30.03
N ASP A 55 5.37 1.90 31.24
CA ASP A 55 6.65 2.57 31.42
C ASP A 55 7.81 1.87 30.71
N LEU A 56 7.91 0.54 30.88
CA LEU A 56 8.99 -0.20 30.25
C LEU A 56 8.83 -0.25 28.72
N ILE A 57 7.59 -0.41 28.26
CA ILE A 57 7.29 -0.46 26.81
C ILE A 57 7.81 0.80 26.08
N LEU A 58 7.80 1.92 26.79
CA LEU A 58 8.17 3.21 26.22
C LEU A 58 9.63 3.56 26.47
N ASP A 59 10.34 2.67 27.19
CA ASP A 59 11.69 2.97 27.68
C ASP A 59 12.79 2.53 26.70
N PRO A 60 13.79 3.40 26.49
CA PRO A 60 14.95 3.18 25.63
C PRO A 60 15.62 1.80 25.79
N PHE A 61 15.69 1.29 27.02
CA PHE A 61 16.27 -0.01 27.26
C PHE A 61 15.21 -1.02 27.67
N GLY A 62 14.18 -0.54 28.38
CA GLY A 62 13.08 -1.39 28.80
C GLY A 62 12.36 -2.08 27.67
N ASN A 63 12.20 -1.40 26.54
CA ASN A 63 11.50 -1.98 25.37
C ASN A 63 12.19 -3.26 24.88
N TYR A 64 13.51 -3.29 24.99
CA TYR A 64 14.24 -4.49 24.62
C TYR A 64 13.90 -5.67 25.55
N LEU A 65 13.73 -5.40 26.84
CA LEU A 65 13.37 -6.46 27.78
C LEU A 65 11.95 -6.98 27.51
N VAL A 66 11.04 -6.06 27.23
CA VAL A 66 9.66 -6.41 26.88
C VAL A 66 9.62 -7.31 25.65
N GLN A 67 10.36 -6.92 24.60
CA GLN A 67 10.46 -7.73 23.40
C GLN A 67 10.98 -9.14 23.75
N LYS A 68 12.10 -9.19 24.47
CA LYS A 68 12.71 -10.48 24.86
C LYS A 68 11.72 -11.35 25.67
N LEU A 69 10.99 -10.71 26.58
CA LEU A 69 10.00 -11.41 27.39
C LEU A 69 8.95 -12.12 26.54
N CYS A 70 8.54 -11.46 25.45
CA CYS A 70 7.52 -12.01 24.55
C CYS A 70 7.84 -13.42 24.04
N ASP A 71 9.12 -13.80 24.02
CA ASP A 71 9.50 -15.14 23.59
C ASP A 71 9.42 -16.19 24.71
N TYR A 72 9.12 -15.76 25.93
CA TYR A 72 9.13 -16.71 27.04
C TYR A 72 7.85 -16.72 27.88
N LEU A 73 7.12 -15.61 27.84
CA LEU A 73 5.91 -15.44 28.66
C LEU A 73 4.89 -16.57 28.42
N THR A 74 4.20 -16.97 29.48
CA THR A 74 3.10 -17.92 29.35
C THR A 74 1.92 -17.18 28.70
N ALA A 75 0.95 -17.91 28.17
CA ALA A 75 -0.22 -17.29 27.59
C ALA A 75 -0.93 -16.41 28.61
N GLU A 76 -0.94 -16.85 29.87
CA GLU A 76 -1.59 -16.11 30.94
C GLU A 76 -0.83 -14.82 31.25
N GLN A 77 0.51 -14.89 31.24
CA GLN A 77 1.33 -13.70 31.41
C GLN A 77 1.12 -12.70 30.27
N LYS A 78 1.11 -13.18 29.03
CA LYS A 78 0.97 -12.29 27.89
C LYS A 78 -0.42 -11.65 27.86
N THR A 79 -1.43 -12.43 28.26
CA THR A 79 -2.78 -11.90 28.34
C THR A 79 -2.88 -10.77 29.37
N LEU A 80 -2.39 -10.99 30.58
CA LEU A 80 -2.38 -9.93 31.59
C LEU A 80 -1.62 -8.70 31.11
N LEU A 81 -0.47 -8.91 30.45
CA LEU A 81 0.26 -7.79 29.86
C LEU A 81 -0.61 -6.96 28.89
N ILE A 82 -1.25 -7.62 27.95
CA ILE A 82 -2.06 -6.93 26.95
C ILE A 82 -3.30 -6.28 27.59
N GLN A 83 -3.89 -6.93 28.58
CA GLN A 83 -5.00 -6.35 29.33
C GLN A 83 -4.60 -5.01 29.96
N THR A 84 -3.33 -4.89 30.32
CA THR A 84 -2.86 -3.74 31.07
C THR A 84 -2.64 -2.54 30.15
N ILE A 85 -2.18 -2.81 28.94
CA ILE A 85 -1.73 -1.75 28.05
C ILE A 85 -2.58 -1.51 26.80
N TYR A 86 -3.61 -2.32 26.56
CA TYR A 86 -4.38 -2.13 25.32
C TYR A 86 -5.00 -0.73 25.13
N PRO A 87 -5.47 -0.08 26.23
CA PRO A 87 -6.00 1.28 25.97
C PRO A 87 -4.92 2.30 25.56
N ASN A 88 -3.64 1.94 25.61
CA ASN A 88 -2.60 2.92 25.29
C ASN A 88 -1.92 2.66 23.96
N VAL A 89 -2.56 1.87 23.09
CA VAL A 89 -1.92 1.53 21.80
C VAL A 89 -1.54 2.73 20.93
N PHE A 90 -2.33 3.80 20.95
CA PHE A 90 -1.97 4.99 20.17
C PHE A 90 -0.64 5.56 20.64
N GLN A 91 -0.57 5.91 21.91
CA GLN A 91 0.63 6.44 22.53
C GLN A 91 1.84 5.50 22.39
N ILE A 92 1.61 4.20 22.52
CA ILE A 92 2.69 3.25 22.33
C ILE A 92 3.19 3.27 20.89
N SER A 93 2.24 3.31 19.95
CA SER A 93 2.58 3.20 18.53
C SER A 93 3.36 4.40 17.96
N ILE A 94 3.05 5.61 18.43
CA ILE A 94 3.76 6.81 17.96
C ILE A 94 5.11 6.97 18.64
N ASN A 95 5.39 6.10 19.61
CA ASN A 95 6.62 6.18 20.39
C ASN A 95 7.76 5.38 19.72
N GLN A 96 8.94 5.97 19.71
CA GLN A 96 10.14 5.41 19.11
C GLN A 96 10.47 4.02 19.65
N TYR A 97 10.26 3.83 20.95
CA TYR A 97 10.56 2.57 21.61
C TYR A 97 9.30 1.70 21.69
N GLY A 98 8.16 2.36 21.92
CA GLY A 98 6.90 1.66 22.02
C GLY A 98 6.54 0.88 20.76
N THR A 99 6.77 1.49 19.59
CA THR A 99 6.46 0.82 18.34
C THR A 99 7.13 -0.56 18.27
N ARG A 100 8.38 -0.64 18.74
CA ARG A 100 9.13 -1.90 18.70
C ARG A 100 8.50 -2.93 19.63
N SER A 101 8.10 -2.48 20.81
CA SER A 101 7.46 -3.35 21.79
C SER A 101 6.16 -3.92 21.23
N LEU A 102 5.32 -3.04 20.70
CA LEU A 102 3.98 -3.42 20.27
C LEU A 102 4.02 -4.37 19.06
N GLN A 103 4.90 -4.08 18.10
CA GLN A 103 5.07 -4.94 16.93
C GLN A 103 5.40 -6.35 17.40
N LYS A 104 6.34 -6.46 18.33
CA LYS A 104 6.76 -7.72 18.89
C LYS A 104 5.63 -8.44 19.64
N ILE A 105 4.86 -7.67 20.40
CA ILE A 105 3.66 -8.21 21.08
C ILE A 105 2.64 -8.79 20.08
N ILE A 106 2.24 -7.99 19.09
CA ILE A 106 1.37 -8.48 18.02
C ILE A 106 1.97 -9.72 17.35
N ASP A 107 3.28 -9.72 17.19
CA ASP A 107 3.99 -10.78 16.48
C ASP A 107 3.98 -12.10 17.25
N THR A 108 3.72 -12.04 18.55
CA THR A 108 3.78 -13.25 19.38
C THR A 108 2.49 -13.55 20.15
N VAL A 109 1.37 -12.99 19.71
CA VAL A 109 0.07 -13.29 20.33
C VAL A 109 -0.17 -14.79 20.37
N ASP A 110 -0.87 -15.27 21.40
CA ASP A 110 -1.05 -16.70 21.58
C ASP A 110 -2.44 -17.15 21.18
N ASN A 111 -3.38 -16.21 21.16
CA ASN A 111 -4.79 -16.57 20.99
C ASN A 111 -5.65 -15.37 20.62
N GLU A 112 -6.89 -15.64 20.22
CA GLU A 112 -7.82 -14.61 19.77
C GLU A 112 -8.19 -13.61 20.87
N VAL A 113 -8.28 -14.07 22.11
CA VAL A 113 -8.53 -13.21 23.26
C VAL A 113 -7.55 -12.06 23.27
N GLN A 114 -6.27 -12.38 23.05
CA GLN A 114 -5.21 -11.37 23.04
C GLN A 114 -5.36 -10.43 21.86
N ILE A 115 -5.69 -11.00 20.69
CA ILE A 115 -5.87 -10.21 19.47
C ILE A 115 -7.05 -9.26 19.59
N ASP A 116 -8.18 -9.78 20.07
CA ASP A 116 -9.37 -8.97 20.29
C ASP A 116 -9.14 -7.84 21.31
N LEU A 117 -8.24 -8.06 22.26
CA LEU A 117 -7.91 -7.00 23.22
C LEU A 117 -7.12 -5.88 22.56
N ILE A 118 -6.16 -6.23 21.71
CA ILE A 118 -5.41 -5.23 20.95
C ILE A 118 -6.34 -4.43 20.02
N ILE A 119 -7.17 -5.17 19.27
CA ILE A 119 -8.17 -4.58 18.39
C ILE A 119 -9.13 -3.63 19.15
N LYS A 120 -9.53 -4.03 20.35
CA LYS A 120 -10.39 -3.22 21.22
C LYS A 120 -9.70 -1.87 21.48
N GLY A 121 -8.39 -1.92 21.71
CA GLY A 121 -7.64 -0.72 22.02
C GLY A 121 -7.58 0.21 20.82
N PHE A 122 -7.58 -0.37 19.62
CA PHE A 122 -7.54 0.42 18.40
C PHE A 122 -8.93 0.92 17.97
N SER A 123 -9.97 0.47 18.67
CA SER A 123 -11.33 0.91 18.37
C SER A 123 -11.57 2.31 18.93
N GLN A 124 -12.68 2.92 18.51
CA GLN A 124 -13.00 4.29 18.87
C GLN A 124 -13.24 4.52 20.35
N GLU A 125 -13.40 3.44 21.11
CA GLU A 125 -13.55 3.54 22.55
C GLU A 125 -12.28 4.13 23.17
N PHE A 126 -11.13 3.86 22.54
CA PHE A 126 -9.83 4.30 23.07
C PHE A 126 -8.99 5.12 22.10
N THR A 127 -9.23 4.93 20.79
CA THR A 127 -8.43 5.57 19.76
C THR A 127 -9.36 6.14 18.69
N SER A 128 -9.31 7.46 18.48
CA SER A 128 -10.19 8.10 17.50
C SER A 128 -9.80 7.77 16.07
N ILE A 129 -10.74 8.01 15.17
CA ILE A 129 -10.49 7.88 13.74
C ILE A 129 -9.27 8.72 13.33
N GLU A 130 -9.22 9.95 13.85
CA GLU A 130 -8.16 10.87 13.49
C GLU A 130 -6.81 10.35 13.97
N GLN A 131 -6.81 9.72 15.14
CA GLN A 131 -5.61 9.09 15.66
C GLN A 131 -5.16 7.89 14.82
N VAL A 132 -6.12 7.11 14.30
CA VAL A 132 -5.79 6.01 13.39
C VAL A 132 -5.13 6.53 12.10
N VAL A 133 -5.72 7.58 11.53
CA VAL A 133 -5.13 8.25 10.37
C VAL A 133 -3.69 8.68 10.71
N THR A 134 -3.51 9.24 11.89
CA THR A 134 -2.19 9.67 12.35
C THR A 134 -1.22 8.49 12.40
N LEU A 135 -1.65 7.38 12.98
CA LEU A 135 -0.82 6.16 13.01
C LEU A 135 -0.44 5.68 11.60
N ILE A 136 -1.40 5.70 10.68
CA ILE A 136 -1.13 5.22 9.33
C ILE A 136 -0.01 6.02 8.66
N ASN A 137 0.07 7.31 8.97
CA ASN A 137 1.09 8.17 8.36
C ASN A 137 2.32 8.41 9.25
N ASP A 138 2.24 8.03 10.51
CA ASP A 138 3.31 8.32 11.47
C ASP A 138 4.56 7.47 11.23
N LEU A 139 5.72 8.13 11.31
CA LEU A 139 7.03 7.50 11.17
C LEU A 139 7.19 6.17 11.94
N ASN A 140 6.67 6.13 13.17
CA ASN A 140 6.79 4.96 14.03
C ASN A 140 5.55 4.08 13.97
N GLY A 141 4.39 4.74 14.02
CA GLY A 141 3.12 4.03 14.06
C GLY A 141 2.76 3.23 12.82
N ASN A 142 3.25 3.62 11.65
CA ASN A 142 2.82 2.92 10.43
C ASN A 142 3.30 1.47 10.43
N HIS A 143 4.38 1.21 11.17
CA HIS A 143 4.91 -0.14 11.29
C HIS A 143 4.01 -1.03 12.16
N VAL A 144 3.36 -0.44 13.16
CA VAL A 144 2.39 -1.17 13.98
C VAL A 144 1.15 -1.53 13.15
N ILE A 145 0.66 -0.57 12.36
CA ILE A 145 -0.49 -0.82 11.48
C ILE A 145 -0.16 -1.90 10.47
N GLN A 146 1.05 -1.87 9.92
CA GLN A 146 1.48 -2.92 9.00
C GLN A 146 1.53 -4.28 9.68
N LYS A 147 2.02 -4.33 10.91
CA LYS A 147 2.11 -5.60 11.66
C LYS A 147 0.71 -6.18 11.81
N CYS A 148 -0.24 -5.32 12.16
CA CYS A 148 -1.64 -5.73 12.31
C CYS A 148 -2.15 -6.32 10.99
N ILE A 149 -1.78 -5.69 9.89
CA ILE A 149 -2.26 -6.08 8.58
C ILE A 149 -1.74 -7.46 8.18
N PHE A 150 -0.48 -7.75 8.50
CA PHE A 150 0.11 -9.04 8.16
C PHE A 150 -0.08 -10.15 9.20
N LYS A 151 -0.34 -9.78 10.46
CA LYS A 151 -0.55 -10.78 11.51
C LYS A 151 -2.02 -11.19 11.69
N PHE A 152 -2.94 -10.22 11.68
CA PHE A 152 -4.33 -10.48 12.02
C PHE A 152 -5.19 -10.83 10.81
N SER A 153 -6.32 -11.48 11.08
CA SER A 153 -7.33 -11.75 10.07
C SER A 153 -8.00 -10.45 9.63
N PRO A 154 -8.33 -10.36 8.33
CA PRO A 154 -9.00 -9.18 7.78
C PRO A 154 -10.33 -8.89 8.48
N SER A 155 -10.89 -9.90 9.16
CA SER A 155 -12.07 -9.68 9.98
C SER A 155 -11.77 -8.75 11.18
N LYS A 156 -10.50 -8.43 11.42
CA LYS A 156 -10.15 -7.49 12.50
C LYS A 156 -9.87 -6.09 11.98
N PHE A 157 -9.96 -5.90 10.66
CA PHE A 157 -9.49 -4.66 10.03
C PHE A 157 -10.43 -3.46 10.15
N GLY A 158 -11.58 -3.64 10.81
CA GLY A 158 -12.58 -2.59 11.00
C GLY A 158 -12.05 -1.18 11.26
N PHE A 159 -11.21 -1.03 12.28
CA PHE A 159 -10.72 0.30 12.67
C PHE A 159 -9.85 0.96 11.58
N ILE A 160 -9.15 0.14 10.79
CA ILE A 160 -8.38 0.67 9.66
C ILE A 160 -9.31 1.11 8.52
N ILE A 161 -10.20 0.22 8.09
CA ILE A 161 -11.16 0.52 7.02
C ILE A 161 -12.02 1.75 7.38
N ASP A 162 -12.60 1.75 8.58
CA ASP A 162 -13.42 2.87 9.07
C ASP A 162 -12.69 4.21 8.99
N ALA A 163 -11.42 4.23 9.38
CA ALA A 163 -10.64 5.46 9.34
C ALA A 163 -10.35 5.91 7.90
N ILE A 164 -10.10 4.95 7.02
CA ILE A 164 -9.79 5.26 5.62
C ILE A 164 -10.98 5.88 4.89
N VAL A 165 -12.16 5.27 5.00
CA VAL A 165 -13.33 5.74 4.26
C VAL A 165 -14.03 6.95 4.86
N GLU A 166 -13.55 7.43 6.02
CA GLU A 166 -14.21 8.54 6.69
C GLU A 166 -13.94 9.85 5.95
N GLN A 167 -15.02 10.53 5.54
CA GLN A 167 -14.92 11.83 4.86
C GLN A 167 -13.90 11.81 3.71
N ASN A 168 -12.80 12.56 3.84
CA ASN A 168 -11.78 12.51 2.79
C ASN A 168 -10.41 12.02 3.24
N ASN A 169 -10.36 11.21 4.30
CA ASN A 169 -9.12 10.62 4.77
C ASN A 169 -8.36 9.83 3.69
N ILE A 170 -9.09 9.32 2.69
CA ILE A 170 -8.44 8.63 1.57
C ILE A 170 -7.38 9.52 0.93
N ILE A 171 -7.64 10.83 0.91
CA ILE A 171 -6.67 11.78 0.39
C ILE A 171 -5.47 11.90 1.33
N THR A 172 -5.77 12.14 2.61
CA THR A 172 -4.75 12.29 3.65
C THR A 172 -3.79 11.10 3.63
N ILE A 173 -4.33 9.92 3.33
CA ILE A 173 -3.54 8.69 3.37
C ILE A 173 -2.83 8.40 2.05
N SER A 174 -3.57 8.43 0.93
CA SER A 174 -2.98 8.11 -0.37
C SER A 174 -1.91 9.12 -0.83
N THR A 175 -1.96 10.36 -0.33
CA THR A 175 -1.01 11.39 -0.78
C THR A 175 0.15 11.57 0.19
N HIS A 176 0.27 10.62 1.12
CA HIS A 176 1.33 10.65 2.11
C HIS A 176 2.37 9.57 1.80
N LYS A 177 3.63 9.88 2.05
CA LYS A 177 4.75 8.98 1.75
C LYS A 177 4.66 7.60 2.45
N HIS A 178 4.21 7.58 3.71
CA HIS A 178 4.04 6.31 4.42
C HIS A 178 2.63 5.74 4.21
N GLY A 179 1.62 6.60 4.26
CA GLY A 179 0.25 6.15 4.14
C GLY A 179 -0.02 5.42 2.85
N CYS A 180 0.58 5.86 1.75
CA CYS A 180 0.33 5.20 0.48
CA CYS A 180 0.37 5.22 0.46
C CYS A 180 0.90 3.79 0.46
N CYS A 181 2.03 3.58 1.13
CA CYS A 181 2.62 2.25 1.24
C CYS A 181 1.75 1.35 2.10
N VAL A 182 1.30 1.86 3.24
CA VAL A 182 0.44 1.11 4.15
C VAL A 182 -0.83 0.69 3.41
N LEU A 183 -1.44 1.62 2.70
CA LEU A 183 -2.71 1.37 2.00
C LEU A 183 -2.57 0.24 0.97
N GLN A 184 -1.45 0.22 0.27
CA GLN A 184 -1.18 -0.84 -0.70
C GLN A 184 -1.05 -2.22 -0.05
N LYS A 185 -0.38 -2.27 1.10
CA LYS A 185 -0.22 -3.54 1.83
C LYS A 185 -1.57 -4.04 2.33
N LEU A 186 -2.40 -3.12 2.81
CA LEU A 186 -3.76 -3.44 3.23
C LEU A 186 -4.52 -4.07 2.07
N LEU A 187 -4.53 -3.38 0.93
CA LEU A 187 -5.28 -3.82 -0.24
C LEU A 187 -4.78 -5.19 -0.72
N SER A 188 -3.50 -5.49 -0.46
CA SER A 188 -2.94 -6.76 -0.92
C SER A 188 -3.49 -7.96 -0.17
N VAL A 189 -4.05 -7.74 1.03
CA VAL A 189 -4.47 -8.87 1.88
C VAL A 189 -5.91 -8.84 2.39
N CYS A 190 -6.56 -7.68 2.31
CA CYS A 190 -7.90 -7.54 2.87
C CYS A 190 -8.95 -8.20 1.96
N THR A 191 -10.20 -8.26 2.42
CA THR A 191 -11.25 -8.96 1.68
C THR A 191 -11.74 -8.13 0.50
N LEU A 192 -12.35 -8.80 -0.47
CA LEU A 192 -12.80 -8.12 -1.66
C LEU A 192 -13.79 -6.99 -1.31
N GLN A 193 -14.75 -7.28 -0.43
CA GLN A 193 -15.67 -6.27 0.05
C GLN A 193 -15.00 -5.09 0.76
N GLN A 194 -13.89 -5.33 1.45
CA GLN A 194 -13.14 -4.22 2.03
C GLN A 194 -12.49 -3.39 0.92
N ILE A 195 -12.01 -4.05 -0.13
CA ILE A 195 -11.42 -3.33 -1.27
C ILE A 195 -12.45 -2.39 -1.91
N PHE A 196 -13.64 -2.93 -2.18
CA PHE A 196 -14.75 -2.15 -2.73
C PHE A 196 -14.99 -0.83 -2.00
N LYS A 197 -15.11 -0.89 -0.67
CA LYS A 197 -15.38 0.31 0.13
C LYS A 197 -14.30 1.38 -0.03
N ILE A 198 -13.06 0.93 -0.09
CA ILE A 198 -11.94 1.86 -0.22
C ILE A 198 -11.88 2.42 -1.66
N SER A 199 -12.20 1.58 -2.63
CA SER A 199 -12.18 1.99 -4.03
C SER A 199 -13.24 3.04 -4.34
N VAL A 200 -14.42 2.90 -3.73
CA VAL A 200 -15.47 3.91 -3.88
C VAL A 200 -14.94 5.27 -3.44
N LYS A 201 -14.22 5.30 -2.33
CA LYS A 201 -13.68 6.56 -1.82
C LYS A 201 -12.56 7.09 -2.71
N ILE A 202 -11.78 6.18 -3.28
CA ILE A 202 -10.68 6.55 -4.17
C ILE A 202 -11.20 7.14 -5.49
N VAL A 203 -12.23 6.52 -6.05
CA VAL A 203 -12.87 7.06 -7.24
C VAL A 203 -13.47 8.42 -6.91
N GLN A 204 -14.11 8.52 -5.74
CA GLN A 204 -14.77 9.76 -5.32
C GLN A 204 -13.80 10.95 -5.29
N PHE A 205 -12.56 10.70 -4.90
CA PHE A 205 -11.58 11.78 -4.81
C PHE A 205 -10.45 11.62 -5.81
N LEU A 206 -10.76 11.00 -6.94
CA LEU A 206 -9.80 10.75 -8.02
C LEU A 206 -8.94 11.97 -8.42
N PRO A 207 -9.56 13.15 -8.62
CA PRO A 207 -8.77 14.29 -9.12
C PRO A 207 -7.63 14.71 -8.18
N GLY A 208 -7.81 14.51 -6.88
CA GLY A 208 -6.79 14.87 -5.93
C GLY A 208 -5.78 13.74 -5.76
N LEU A 209 -5.94 12.68 -6.55
CA LEU A 209 -5.09 11.50 -6.40
C LEU A 209 -4.29 11.18 -7.64
N ILE A 210 -4.92 11.31 -8.79
CA ILE A 210 -4.39 10.75 -10.03
C ILE A 210 -3.08 11.39 -10.48
N ASN A 211 -2.87 12.66 -10.15
CA ASN A 211 -1.57 13.29 -10.44
C ASN A 211 -0.76 13.61 -9.18
N ASP A 212 -1.12 13.00 -8.06
CA ASP A 212 -0.33 13.21 -6.85
C ASP A 212 0.94 12.35 -6.87
N GLN A 213 2.02 12.88 -6.30
CA GLN A 213 3.30 12.17 -6.27
C GLN A 213 3.20 10.76 -5.68
N PHE A 214 2.29 10.54 -4.74
CA PHE A 214 2.14 9.22 -4.13
C PHE A 214 0.79 8.60 -4.52
N GLY A 215 -0.22 9.45 -4.69
CA GLY A 215 -1.55 8.99 -5.02
C GLY A 215 -1.64 8.25 -6.35
N ASN A 216 -0.72 8.55 -7.26
CA ASN A 216 -0.73 7.90 -8.56
C ASN A 216 -0.41 6.41 -8.45
N TYR A 217 0.36 6.05 -7.43
CA TYR A 217 0.69 4.64 -7.19
C TYR A 217 -0.52 3.84 -6.71
N ILE A 218 -1.40 4.52 -5.98
CA ILE A 218 -2.63 3.90 -5.48
C ILE A 218 -3.58 3.57 -6.64
N ILE A 219 -3.75 4.52 -7.56
CA ILE A 219 -4.60 4.29 -8.73
C ILE A 219 -4.05 3.13 -9.55
N GLN A 220 -2.73 3.09 -9.73
CA GLN A 220 -2.11 2.00 -10.47
C GLN A 220 -2.25 0.66 -9.74
N PHE A 221 -2.14 0.69 -8.42
CA PHE A 221 -2.31 -0.52 -7.65
C PHE A 221 -3.72 -1.11 -7.88
N LEU A 222 -4.72 -0.25 -7.96
CA LEU A 222 -6.10 -0.71 -8.20
C LEU A 222 -6.25 -1.37 -9.57
N LEU A 223 -5.49 -0.87 -10.54
CA LEU A 223 -5.60 -1.35 -11.92
C LEU A 223 -4.98 -2.75 -12.07
N ASP A 224 -4.27 -3.20 -11.04
CA ASP A 224 -3.66 -4.53 -11.02
C ASP A 224 -4.57 -5.57 -10.35
N ILE A 225 -5.66 -5.12 -9.74
CA ILE A 225 -6.60 -6.05 -9.11
C ILE A 225 -7.69 -6.46 -10.12
N LYS A 226 -7.60 -7.69 -10.63
CA LYS A 226 -8.50 -8.17 -11.67
C LYS A 226 -9.98 -8.20 -11.29
N GLU A 227 -10.26 -8.50 -10.01
CA GLU A 227 -11.64 -8.53 -9.52
C GLU A 227 -12.33 -7.17 -9.61
N LEU A 228 -11.55 -6.12 -9.82
CA LEU A 228 -12.08 -4.77 -9.93
C LEU A 228 -12.38 -4.37 -11.38
N ASP A 229 -11.91 -5.16 -12.34
CA ASP A 229 -12.07 -4.84 -13.76
C ASP A 229 -13.49 -4.49 -14.21
N PHE A 230 -14.49 -5.22 -13.70
CA PHE A 230 -15.86 -5.08 -14.21
C PHE A 230 -16.46 -3.68 -14.03
N TYR A 231 -15.90 -2.88 -13.13
CA TYR A 231 -16.39 -1.52 -12.95
C TYR A 231 -15.30 -0.46 -13.06
N LEU A 232 -14.08 -0.79 -12.62
CA LEU A 232 -13.01 0.21 -12.49
C LEU A 232 -12.58 0.86 -13.82
N LEU A 233 -12.55 0.06 -14.88
CA LEU A 233 -12.16 0.56 -16.20
C LEU A 233 -13.13 1.63 -16.73
N ALA A 234 -14.41 1.27 -16.78
CA ALA A 234 -15.44 2.20 -17.19
C ALA A 234 -15.54 3.40 -16.24
N GLU A 235 -15.52 3.13 -14.93
CA GLU A 235 -15.61 4.17 -13.92
C GLU A 235 -14.50 5.24 -14.02
N LEU A 236 -13.25 4.79 -14.16
CA LEU A 236 -12.12 5.70 -14.31
C LEU A 236 -12.20 6.46 -15.63
N PHE A 237 -12.41 5.74 -16.71
CA PHE A 237 -12.47 6.38 -18.01
C PHE A 237 -13.53 7.45 -18.04
N ASN A 238 -14.68 7.19 -17.42
CA ASN A 238 -15.75 8.18 -17.42
C ASN A 238 -15.44 9.43 -16.58
N ARG A 239 -14.61 9.30 -15.56
CA ARG A 239 -14.17 10.46 -14.77
C ARG A 239 -13.07 11.26 -15.47
N LEU A 240 -12.30 10.61 -16.35
CA LEU A 240 -11.04 11.18 -16.83
C LEU A 240 -10.97 11.47 -18.33
N SER A 241 -11.89 10.92 -19.10
CA SER A 241 -11.85 11.02 -20.57
C SER A 241 -11.67 12.45 -21.09
N ASN A 242 -12.44 13.38 -20.54
CA ASN A 242 -12.43 14.77 -20.98
C ASN A 242 -11.10 15.49 -20.74
N GLU A 243 -10.32 14.97 -19.79
CA GLU A 243 -9.00 15.55 -19.52
C GLU A 243 -7.86 14.53 -19.71
N LEU A 244 -8.11 13.52 -20.55
CA LEU A 244 -7.16 12.44 -20.77
C LEU A 244 -5.85 12.96 -21.37
N CYS A 245 -5.96 13.89 -22.31
CA CYS A 245 -4.78 14.51 -22.92
C CYS A 245 -3.96 15.28 -21.88
N GLN A 246 -4.63 16.11 -21.09
CA GLN A 246 -3.99 16.84 -20.00
C GLN A 246 -3.28 15.89 -19.02
N LEU A 247 -3.97 14.81 -18.64
CA LEU A 247 -3.45 13.82 -17.70
C LEU A 247 -2.20 13.12 -18.24
N SER A 248 -2.20 12.87 -19.55
CA SER A 248 -1.08 12.24 -20.22
C SER A 248 0.14 13.17 -20.25
N CYS A 249 -0.09 14.46 -20.07
CA CYS A 249 0.98 15.46 -20.14
C CYS A 249 1.45 15.93 -18.77
N LEU A 250 1.19 15.15 -17.73
CA LEU A 250 1.62 15.51 -16.36
C LEU A 250 2.55 14.45 -15.79
N LYS A 251 3.53 14.88 -15.01
CA LYS A 251 4.57 13.97 -14.53
C LYS A 251 4.06 12.67 -13.93
N PHE A 252 3.14 12.78 -12.98
CA PHE A 252 2.70 11.62 -12.22
C PHE A 252 1.57 10.84 -12.91
N SER A 253 0.47 11.53 -13.25
CA SER A 253 -0.69 10.89 -13.91
C SER A 253 -0.37 10.25 -15.26
N SER A 254 0.70 10.72 -15.92
CA SER A 254 1.11 10.11 -17.17
C SER A 254 1.35 8.59 -17.03
N ASN A 255 1.83 8.19 -15.86
CA ASN A 255 2.10 6.77 -15.59
C ASN A 255 0.82 5.98 -15.39
N VAL A 256 -0.21 6.64 -14.89
CA VAL A 256 -1.50 5.99 -14.74
C VAL A 256 -2.15 5.76 -16.11
N VAL A 257 -2.01 6.74 -17.01
CA VAL A 257 -2.60 6.63 -18.34
C VAL A 257 -1.98 5.44 -19.04
N GLU A 258 -0.65 5.33 -18.98
CA GLU A 258 0.04 4.21 -19.62
C GLU A 258 -0.44 2.88 -19.05
N LYS A 259 -0.51 2.82 -17.71
CA LYS A 259 -0.89 1.61 -17.02
C LYS A 259 -2.30 1.23 -17.48
N PHE A 260 -3.13 2.25 -17.68
CA PHE A 260 -4.52 2.07 -18.08
C PHE A 260 -4.59 1.56 -19.52
N ILE A 261 -3.80 2.16 -20.41
CA ILE A 261 -3.75 1.72 -21.79
C ILE A 261 -3.22 0.27 -21.92
N LYS A 262 -2.11 -0.04 -21.25
CA LYS A 262 -1.62 -1.41 -21.25
C LYS A 262 -2.68 -2.40 -20.78
N LYS A 263 -3.40 -2.05 -19.72
CA LYS A 263 -4.42 -2.93 -19.15
C LYS A 263 -5.52 -3.24 -20.18
N LEU A 264 -5.91 -2.23 -20.95
CA LEU A 264 -6.89 -2.41 -22.03
C LEU A 264 -6.38 -3.42 -23.05
N PHE A 265 -5.12 -3.26 -23.44
CA PHE A 265 -4.48 -4.17 -24.38
C PHE A 265 -4.43 -5.62 -23.86
N ARG A 266 -3.96 -5.82 -22.63
CA ARG A 266 -3.82 -7.17 -22.07
C ARG A 266 -5.19 -7.86 -21.97
N ILE A 267 -6.23 -7.09 -21.66
CA ILE A 267 -7.58 -7.64 -21.53
C ILE A 267 -8.19 -8.06 -22.87
N ILE A 268 -8.07 -7.20 -23.87
CA ILE A 268 -8.63 -7.48 -25.18
C ILE A 268 -7.87 -8.61 -25.88
N THR A 269 -6.54 -8.59 -25.83
CA THR A 269 -5.76 -9.61 -26.50
C THR A 269 -5.86 -10.96 -25.81
N GLY A 270 -6.14 -10.95 -24.50
CA GLY A 270 -6.33 -12.17 -23.75
C GLY A 270 -7.56 -12.91 -24.21
N PHE A 271 -8.56 -12.17 -24.66
CA PHE A 271 -9.74 -12.77 -25.25
C PHE A 271 -9.41 -13.47 -26.57
N ILE A 272 -8.64 -12.80 -27.41
CA ILE A 272 -8.28 -13.32 -28.74
C ILE A 272 -7.42 -14.58 -28.68
N VAL A 273 -6.58 -14.68 -27.65
CA VAL A 273 -5.69 -15.83 -27.49
C VAL A 273 -6.33 -16.93 -26.64
N ALA A 286 -10.33 -13.18 -18.35
CA ALA A 286 -11.15 -13.09 -19.55
C ALA A 286 -12.64 -13.04 -19.20
N SER A 287 -13.10 -11.89 -18.71
CA SER A 287 -14.52 -11.73 -18.37
C SER A 287 -15.23 -11.03 -19.52
N ASP A 288 -16.35 -11.57 -19.98
CA ASP A 288 -16.99 -11.04 -21.18
C ASP A 288 -17.46 -9.60 -21.07
N ASP A 289 -18.08 -9.21 -19.97
CA ASP A 289 -18.60 -7.83 -19.85
C ASP A 289 -17.49 -6.76 -19.94
N VAL A 290 -16.41 -6.95 -19.20
CA VAL A 290 -15.20 -6.12 -19.27
C VAL A 290 -14.77 -5.86 -20.73
N ILE A 291 -14.41 -6.95 -21.43
CA ILE A 291 -14.01 -6.94 -22.82
C ILE A 291 -14.84 -6.01 -23.73
N ASN A 292 -16.16 -6.09 -23.62
CA ASN A 292 -17.06 -5.23 -24.39
C ASN A 292 -16.68 -3.76 -24.28
N ALA A 293 -16.79 -3.22 -23.06
CA ALA A 293 -16.46 -1.82 -22.79
C ALA A 293 -14.97 -1.53 -22.91
N SER A 294 -14.12 -2.52 -22.66
CA SER A 294 -12.68 -2.33 -22.83
C SER A 294 -12.34 -2.05 -24.29
N MET A 295 -13.06 -2.71 -25.19
CA MET A 295 -12.87 -2.46 -26.61
C MET A 295 -13.30 -1.04 -26.96
N ASN A 296 -14.42 -0.61 -26.40
CA ASN A 296 -14.96 0.72 -26.66
C ASN A 296 -14.05 1.83 -26.15
N ILE A 297 -13.58 1.68 -24.92
CA ILE A 297 -12.70 2.65 -24.29
C ILE A 297 -11.41 2.76 -25.09
N LEU A 298 -10.91 1.63 -25.59
CA LEU A 298 -9.65 1.63 -26.34
C LEU A 298 -9.81 2.44 -27.62
N LEU A 299 -10.90 2.19 -28.36
CA LEU A 299 -11.18 2.91 -29.60
C LEU A 299 -11.33 4.41 -29.37
N THR A 300 -12.07 4.76 -28.32
CA THR A 300 -12.28 6.16 -27.94
C THR A 300 -10.94 6.82 -27.53
N THR A 301 -10.05 6.04 -26.92
CA THR A 301 -8.75 6.55 -26.50
C THR A 301 -7.89 6.88 -27.72
N ILE A 302 -7.90 5.99 -28.71
CA ILE A 302 -7.13 6.20 -29.92
C ILE A 302 -7.58 7.48 -30.59
N ASP A 303 -8.90 7.69 -30.65
CA ASP A 303 -9.48 8.90 -31.20
C ASP A 303 -9.00 10.19 -30.50
N ILE A 304 -9.00 10.18 -29.17
CA ILE A 304 -8.53 11.33 -28.38
C ILE A 304 -7.06 11.62 -28.65
N PHE A 305 -6.25 10.56 -28.70
CA PHE A 305 -4.82 10.65 -28.96
C PHE A 305 -4.55 11.03 -30.42
N THR A 306 -5.46 10.67 -31.31
CA THR A 306 -5.37 11.07 -32.69
C THR A 306 -5.62 12.57 -32.82
N VAL A 307 -6.69 13.05 -32.18
CA VAL A 307 -7.02 14.47 -32.16
C VAL A 307 -5.89 15.32 -31.58
N ASN A 308 -5.29 14.87 -30.48
CA ASN A 308 -4.27 15.66 -29.77
C ASN A 308 -2.83 15.27 -30.08
N LEU A 309 -2.65 14.55 -31.18
CA LEU A 309 -1.34 14.00 -31.56
C LEU A 309 -0.22 15.04 -31.54
N ASN A 310 -0.54 16.25 -31.99
CA ASN A 310 0.45 17.31 -32.13
C ASN A 310 1.01 17.77 -30.78
N VAL A 311 0.17 17.72 -29.76
CA VAL A 311 0.58 18.08 -28.41
C VAL A 311 1.29 16.92 -27.73
N LEU A 312 0.73 15.74 -27.84
CA LEU A 312 1.27 14.54 -27.20
C LEU A 312 2.65 14.16 -27.72
N ILE A 313 2.81 14.16 -29.04
CA ILE A 313 4.08 13.76 -29.64
C ILE A 313 5.21 14.70 -29.21
N ARG A 314 4.82 15.87 -28.73
CA ARG A 314 5.76 16.96 -28.46
C ARG A 314 6.00 17.15 -26.95
N ASP A 315 5.15 16.55 -26.13
CA ASP A 315 5.18 16.78 -24.68
C ASP A 315 6.19 15.89 -23.95
N ASN A 316 6.84 16.45 -22.93
CA ASN A 316 7.87 15.71 -22.17
C ASN A 316 7.36 14.45 -21.49
N PHE A 317 6.07 14.43 -21.20
CA PHE A 317 5.48 13.23 -20.61
C PHE A 317 4.50 12.59 -21.59
N GLY A 318 3.81 13.41 -22.37
CA GLY A 318 2.79 12.92 -23.29
C GLY A 318 3.31 11.90 -24.29
N ASN A 319 4.58 12.02 -24.66
CA ASN A 319 5.16 11.13 -25.66
C ASN A 319 5.30 9.68 -25.17
N TYR A 320 5.49 9.48 -23.88
CA TYR A 320 5.51 8.13 -23.35
C TYR A 320 4.11 7.48 -23.50
N ALA A 321 3.06 8.22 -23.19
CA ALA A 321 1.71 7.69 -23.35
C ALA A 321 1.42 7.35 -24.81
N LEU A 322 1.78 8.26 -25.72
CA LEU A 322 1.64 8.02 -27.15
C LEU A 322 2.38 6.76 -27.59
N GLN A 323 3.65 6.62 -27.19
CA GLN A 323 4.48 5.46 -27.59
C GLN A 323 3.93 4.13 -27.10
N THR A 324 3.38 4.14 -25.90
CA THR A 324 2.72 2.97 -25.32
C THR A 324 1.53 2.54 -26.19
N LEU A 325 0.75 3.53 -26.63
CA LEU A 325 -0.41 3.27 -27.46
C LEU A 325 -0.01 2.79 -28.86
N LEU A 326 1.19 3.16 -29.31
CA LEU A 326 1.65 2.90 -30.68
C LEU A 326 2.46 1.61 -30.82
N ASP A 327 2.86 1.05 -29.69
CA ASP A 327 3.76 -0.11 -29.66
C ASP A 327 3.03 -1.41 -30.02
N VAL A 328 3.39 -2.01 -31.16
CA VAL A 328 2.71 -3.22 -31.64
C VAL A 328 2.97 -4.45 -30.77
N LYS A 329 4.00 -4.38 -29.92
CA LYS A 329 4.24 -5.44 -28.93
C LYS A 329 2.98 -5.67 -28.11
N ASN A 330 2.20 -4.60 -27.93
CA ASN A 330 0.98 -4.63 -27.12
C ASN A 330 -0.30 -5.08 -27.83
N TYR A 331 -0.33 -5.05 -29.16
CA TYR A 331 -1.58 -5.31 -29.86
C TYR A 331 -1.48 -6.13 -31.15
N SER A 332 -0.37 -6.84 -31.34
CA SER A 332 -0.20 -7.65 -32.56
C SER A 332 -1.29 -8.71 -32.82
N PRO A 333 -1.81 -9.37 -31.76
CA PRO A 333 -2.92 -10.30 -32.02
C PRO A 333 -4.14 -9.62 -32.66
N LEU A 334 -4.27 -8.32 -32.45
CA LEU A 334 -5.35 -7.55 -33.07
C LEU A 334 -4.95 -7.08 -34.47
N LEU A 335 -3.75 -7.48 -34.91
CA LEU A 335 -3.10 -6.97 -36.12
C LEU A 335 -2.77 -5.48 -36.01
N ASN A 356 -15.53 -7.50 -35.54
CA ASN A 356 -15.34 -6.27 -36.30
C ASN A 356 -14.68 -5.16 -35.47
N PHE A 357 -14.40 -5.44 -34.21
CA PHE A 357 -13.63 -4.51 -33.39
C PHE A 357 -12.22 -4.44 -33.98
N CYS A 358 -11.70 -5.61 -34.34
CA CYS A 358 -10.36 -5.72 -34.90
C CYS A 358 -10.25 -4.89 -36.16
N ASN A 359 -11.37 -4.80 -36.87
CA ASN A 359 -11.47 -4.00 -38.07
C ASN A 359 -11.32 -2.50 -37.76
N ASP A 360 -12.19 -1.98 -36.91
CA ASP A 360 -12.11 -0.59 -36.45
C ASP A 360 -10.74 -0.25 -35.82
N PHE A 361 -10.23 -1.14 -34.96
CA PHE A 361 -8.95 -0.90 -34.31
C PHE A 361 -7.86 -0.70 -35.36
N SER A 362 -7.83 -1.59 -36.34
CA SER A 362 -6.81 -1.55 -37.38
C SER A 362 -6.84 -0.26 -38.18
N LEU A 363 -8.03 0.18 -38.52
CA LEU A 363 -8.19 1.44 -39.25
C LEU A 363 -7.71 2.61 -38.40
N LYS A 364 -8.13 2.65 -37.14
CA LYS A 364 -7.79 3.77 -36.27
C LYS A 364 -6.31 3.82 -35.86
N ILE A 365 -5.74 2.68 -35.48
CA ILE A 365 -4.34 2.62 -35.09
C ILE A 365 -3.44 2.81 -36.31
N GLY A 366 -3.93 2.40 -37.49
CA GLY A 366 -3.18 2.58 -38.72
C GLY A 366 -3.11 4.05 -39.13
N ASN A 367 -4.26 4.72 -39.02
CA ASN A 367 -4.35 6.15 -39.27
C ASN A 367 -3.48 6.98 -38.30
N LEU A 368 -3.47 6.58 -37.03
CA LEU A 368 -2.62 7.27 -36.06
C LEU A 368 -1.16 7.12 -36.45
N ILE A 369 -0.80 5.94 -36.96
CA ILE A 369 0.57 5.70 -37.41
C ILE A 369 0.93 6.63 -38.55
N VAL A 370 0.03 6.71 -39.53
CA VAL A 370 0.23 7.58 -40.70
C VAL A 370 0.44 9.03 -40.24
N LEU A 371 -0.44 9.51 -39.38
CA LEU A 371 -0.38 10.90 -38.94
C LEU A 371 0.88 11.14 -38.12
N THR A 372 1.27 10.13 -37.34
CA THR A 372 2.47 10.23 -36.52
C THR A 372 3.72 10.42 -37.38
N LYS A 373 3.86 9.64 -38.45
CA LYS A 373 5.02 9.76 -39.31
C LYS A 373 5.07 11.08 -40.08
N GLU A 374 3.90 11.64 -40.43
CA GLU A 374 3.84 12.95 -41.09
C GLU A 374 4.46 14.02 -40.19
N LEU A 375 4.37 13.78 -38.88
CA LEU A 375 4.81 14.73 -37.88
C LEU A 375 6.27 14.57 -37.46
N LEU A 376 6.90 13.46 -37.87
CA LEU A 376 8.28 13.19 -37.50
C LEU A 376 9.27 14.33 -37.82
N PRO A 377 9.21 14.92 -39.04
CA PRO A 377 10.10 16.07 -39.28
C PRO A 377 9.85 17.28 -38.36
N SER A 378 8.65 17.42 -37.81
CA SER A 378 8.35 18.56 -36.94
C SER A 378 8.84 18.36 -35.51
N ILE A 379 9.50 17.22 -35.24
CA ILE A 379 10.11 16.95 -33.93
C ILE A 379 11.57 16.47 -34.02
N LYS A 380 12.24 16.82 -35.12
CA LYS A 380 13.63 16.43 -35.35
C LYS A 380 14.53 16.78 -34.17
N THR A 381 14.27 17.94 -33.57
CA THR A 381 15.03 18.41 -32.41
C THR A 381 15.06 17.39 -31.27
N THR A 382 13.87 16.95 -30.85
CA THR A 382 13.70 16.09 -29.68
C THR A 382 14.58 14.83 -29.70
N SER A 383 14.97 14.38 -28.52
CA SER A 383 15.90 13.26 -28.35
C SER A 383 15.21 11.90 -28.44
N TYR A 384 13.89 11.89 -28.57
CA TYR A 384 13.16 10.63 -28.61
C TYR A 384 12.47 10.36 -29.95
N ALA A 385 12.76 11.21 -30.94
CA ALA A 385 12.22 11.06 -32.30
C ALA A 385 12.50 9.68 -32.86
N LYS A 386 13.75 9.22 -32.70
CA LYS A 386 14.16 7.89 -33.14
C LYS A 386 13.36 6.77 -32.47
N LYS A 387 12.96 6.96 -31.21
CA LYS A 387 12.15 5.95 -30.53
C LYS A 387 10.78 5.80 -31.21
N ILE A 388 10.23 6.93 -31.64
CA ILE A 388 8.92 6.94 -32.30
C ILE A 388 9.05 6.45 -33.73
N LYS A 389 10.15 6.79 -34.39
CA LYS A 389 10.42 6.27 -35.71
C LYS A 389 10.52 4.74 -35.66
N LEU A 390 11.09 4.22 -34.58
CA LEU A 390 11.26 2.79 -34.42
C LEU A 390 9.91 2.08 -34.33
N LYS A 391 8.98 2.70 -33.60
CA LYS A 391 7.63 2.16 -33.48
C LYS A 391 6.79 2.21 -34.77
N VAL A 392 6.90 3.27 -35.57
CA VAL A 392 6.17 3.24 -36.84
C VAL A 392 6.78 2.20 -37.75
N LYS A 393 8.08 1.98 -37.63
CA LYS A 393 8.76 0.98 -38.44
C LYS A 393 8.36 -0.44 -38.04
N ALA A 394 8.36 -0.70 -36.74
CA ALA A 394 7.97 -2.00 -36.19
C ALA A 394 6.52 -2.32 -36.59
N TYR A 395 5.67 -1.29 -36.59
CA TYR A 395 4.30 -1.43 -37.08
C TYR A 395 4.31 -1.89 -38.54
N ALA A 396 5.15 -1.26 -39.37
CA ALA A 396 5.22 -1.59 -40.79
C ALA A 396 5.69 -3.01 -41.05
N GLU A 397 6.68 -3.45 -40.28
CA GLU A 397 7.20 -4.80 -40.43
C GLU A 397 6.16 -5.86 -40.08
N ALA A 398 5.29 -5.51 -39.14
CA ALA A 398 4.28 -6.44 -38.64
C ALA A 398 3.04 -6.47 -39.55
N THR A 399 2.94 -5.51 -40.46
CA THR A 399 1.70 -5.30 -41.21
C THR A 399 1.91 -5.35 -42.72
#